data_9ISI
#
_entry.id   9ISI
#
_entity_poly.entity_id   1
_entity_poly.type   'polypeptide(L)'
_entity_poly.pdbx_seq_one_letter_code
;DYKDDDDAIDASFSAETNSTDLLSQPWNEPPVILSMVILSLTFLLGLPGNGLVLWVAGLKMQRTVNTIWFLHLTLADLLC
CLSLPFSLAHLALQGQWPYGRFLCKLIPSIIVLNMFASVFLLTAISLDRCLVVFKPIWCQNHRNVGMACSICGCIWVVAF
VMCIPVFVYREIFTTDNHNRCGYKFGLSSSLDYPDFYGDPLENRSLENIVQPPGEMNDRLDPSSFQTNDHPWTVPTVFQP
QTFQRPSADSLPRGSARLTSQNLYSNVFKPADVVSPKIPSGFPIEDHETSPLDNSDAFLSTHLKLFPSASSNSFYESELP
QGFQDYYNLGQFTDDDQVPTPLVAITITRLVVGFLLPSVIMIACYSFIVFRMQRARRQLADLEDNWETLNDNLKVIEKAD
NAAQVKDALTKMRAAALDAQKATPPKLEDKSPDSPEMKDFRHGFDILVGQIDDALKLANEGKVKEAQAAAEQLKTTRNAY
IQKYLERARSTLKSQSKTFRVAVVVVAVFLVCWTPYHIFGVLSLLTDPETPLGKTLMSWDHVCIALASANSCFNPFLYAL
LGKDFRKKARQSIQGILEAAFSEELTRSTHCPSNNVISERNSTTVASLEVLFQ
;
_entity_poly.pdbx_strand_id   B
#
# COMPACT_ATOMS: atom_id res chain seq x y z
N PRO A 31 -10.65 31.20 19.25
CA PRO A 31 -10.86 30.45 18.02
C PRO A 31 -11.75 29.23 18.22
N VAL A 32 -12.62 29.27 19.23
CA VAL A 32 -13.48 28.14 19.51
C VAL A 32 -14.50 27.91 18.40
N ILE A 33 -14.91 28.98 17.71
CA ILE A 33 -15.90 28.82 16.64
C ILE A 33 -15.30 28.06 15.46
N LEU A 34 -13.99 28.21 15.22
CA LEU A 34 -13.35 27.45 14.15
C LEU A 34 -13.36 25.96 14.47
N SER A 35 -13.06 25.59 15.72
CA SER A 35 -13.17 24.20 16.12
C SER A 35 -14.60 23.70 15.99
N MET A 36 -15.57 24.52 16.39
CA MET A 36 -16.97 24.13 16.29
C MET A 36 -17.35 23.83 14.84
N VAL A 37 -17.01 24.74 13.93
CA VAL A 37 -17.43 24.57 12.54
C VAL A 37 -16.71 23.37 11.90
N ILE A 38 -15.41 23.19 12.20
CA ILE A 38 -14.71 22.08 11.58
C ILE A 38 -15.21 20.74 12.12
N LEU A 39 -15.51 20.67 13.43
CA LEU A 39 -16.06 19.43 13.98
C LEU A 39 -17.44 19.13 13.41
N SER A 40 -18.29 20.14 13.29
CA SER A 40 -19.61 19.92 12.72
C SER A 40 -19.52 19.46 11.28
N LEU A 41 -18.61 20.06 10.50
CA LEU A 41 -18.42 19.62 9.12
C LEU A 41 -17.88 18.20 9.05
N THR A 42 -16.99 17.85 9.99
CA THR A 42 -16.46 16.49 10.03
C THR A 42 -17.55 15.47 10.30
N PHE A 43 -18.42 15.75 11.27
CA PHE A 43 -19.52 14.83 11.54
C PHE A 43 -20.49 14.77 10.37
N LEU A 44 -20.82 15.91 9.77
CA LEU A 44 -21.84 15.93 8.71
C LEU A 44 -21.40 15.11 7.51
N LEU A 45 -20.10 15.01 7.26
CA LEU A 45 -19.56 14.22 6.16
C LEU A 45 -18.85 12.95 6.64
N GLY A 46 -18.94 12.62 7.92
CA GLY A 46 -18.25 11.46 8.44
C GLY A 46 -19.12 10.23 8.58
N LEU A 47 -20.34 10.41 9.08
CA LEU A 47 -21.25 9.28 9.22
C LEU A 47 -21.62 8.65 7.89
N PRO A 48 -22.03 9.42 6.84
CA PRO A 48 -22.47 8.81 5.58
C PRO A 48 -21.35 7.97 4.94
N GLY A 49 -20.14 8.53 4.84
CA GLY A 49 -19.04 7.83 4.18
C GLY A 49 -18.64 6.57 4.92
N ASN A 50 -18.53 6.65 6.25
CA ASN A 50 -18.18 5.49 7.04
C ASN A 50 -19.24 4.40 6.89
N GLY A 51 -20.51 4.78 6.97
CA GLY A 51 -21.57 3.80 6.82
C GLY A 51 -21.58 3.14 5.45
N LEU A 52 -21.43 3.95 4.41
CA LEU A 52 -21.41 3.42 3.05
C LEU A 52 -20.26 2.44 2.85
N VAL A 53 -19.06 2.83 3.26
CA VAL A 53 -17.90 1.96 3.07
C VAL A 53 -18.07 0.68 3.88
N LEU A 54 -18.52 0.80 5.14
CA LEU A 54 -18.68 -0.38 5.98
C LEU A 54 -19.69 -1.35 5.38
N TRP A 55 -20.84 -0.84 4.94
CA TRP A 55 -21.88 -1.72 4.42
C TRP A 55 -21.46 -2.35 3.09
N VAL A 56 -20.79 -1.58 2.23
CA VAL A 56 -20.38 -2.12 0.94
C VAL A 56 -19.30 -3.18 1.12
N ALA A 57 -18.34 -2.94 2.00
CA ALA A 57 -17.27 -3.91 2.20
C ALA A 57 -17.68 -5.09 3.06
N GLY A 58 -18.80 -4.99 3.78
CA GLY A 58 -19.19 -6.06 4.69
C GLY A 58 -20.08 -7.13 4.10
N LEU A 59 -21.20 -6.72 3.47
CA LEU A 59 -22.20 -7.72 3.00
C LEU A 59 -22.27 -7.79 1.48
N LYS A 60 -21.16 -7.55 0.78
CA LYS A 60 -21.11 -7.70 -0.67
C LYS A 60 -20.22 -8.86 -1.10
N MET A 61 -18.96 -8.87 -0.69
CA MET A 61 -18.00 -9.89 -1.08
C MET A 61 -17.69 -10.82 0.10
N GLN A 62 -16.76 -11.74 -0.12
CA GLN A 62 -16.38 -12.72 0.88
C GLN A 62 -15.21 -12.22 1.73
N ARG A 63 -15.12 -12.81 2.93
CA ARG A 63 -14.07 -12.39 3.89
C ARG A 63 -12.70 -12.94 3.47
N THR A 64 -11.72 -12.05 3.34
CA THR A 64 -10.35 -12.42 3.00
C THR A 64 -9.41 -11.80 4.01
N VAL A 65 -8.15 -12.25 3.95
CA VAL A 65 -7.14 -11.76 4.88
C VAL A 65 -6.85 -10.27 4.69
N ASN A 66 -7.12 -9.74 3.49
CA ASN A 66 -6.77 -8.36 3.17
C ASN A 66 -7.90 -7.41 3.58
N THR A 67 -9.12 -7.67 3.11
CA THR A 67 -10.22 -6.74 3.34
C THR A 67 -10.57 -6.61 4.82
N ILE A 68 -10.29 -7.64 5.61
CA ILE A 68 -10.70 -7.64 7.02
C ILE A 68 -10.01 -6.50 7.77
N TRP A 69 -8.74 -6.21 7.43
CA TRP A 69 -8.01 -5.15 8.13
C TRP A 69 -8.63 -3.79 7.84
N PHE A 70 -8.94 -3.52 6.57
CA PHE A 70 -9.60 -2.26 6.23
C PHE A 70 -10.98 -2.16 6.85
N LEU A 71 -11.69 -3.28 6.94
CA LEU A 71 -12.99 -3.30 7.61
C LEU A 71 -12.85 -2.92 9.07
N HIS A 72 -11.85 -3.48 9.75
CA HIS A 72 -11.61 -3.14 11.15
C HIS A 72 -11.24 -1.67 11.30
N LEU A 73 -10.40 -1.16 10.40
CA LEU A 73 -9.98 0.24 10.47
C LEU A 73 -11.19 1.16 10.31
N THR A 74 -12.04 0.88 9.33
CA THR A 74 -13.22 1.73 9.13
C THR A 74 -14.21 1.59 10.28
N LEU A 75 -14.32 0.41 10.88
CA LEU A 75 -15.16 0.25 12.06
C LEU A 75 -14.67 1.09 13.22
N ALA A 76 -13.35 1.10 13.44
CA ALA A 76 -12.78 1.94 14.50
C ALA A 76 -13.01 3.41 14.22
N ASP A 77 -12.85 3.83 12.97
CA ASP A 77 -13.09 5.22 12.61
C ASP A 77 -14.56 5.59 12.81
N LEU A 78 -15.48 4.68 12.49
CA LEU A 78 -16.90 4.94 12.72
C LEU A 78 -17.21 5.07 14.21
N LEU A 79 -16.62 4.20 15.02
CA LEU A 79 -16.78 4.30 16.47
C LEU A 79 -16.26 5.64 16.98
N CYS A 80 -15.14 6.10 16.42
CA CYS A 80 -14.62 7.41 16.78
C CYS A 80 -15.60 8.53 16.39
N CYS A 81 -16.15 8.44 15.18
CA CYS A 81 -17.02 9.50 14.67
C CYS A 81 -18.34 9.56 15.44
N LEU A 82 -18.77 8.44 16.03
CA LEU A 82 -20.04 8.44 16.74
C LEU A 82 -20.04 9.31 17.98
N SER A 83 -18.87 9.67 18.52
CA SER A 83 -18.79 10.40 19.78
C SER A 83 -18.62 11.90 19.62
N LEU A 84 -18.63 12.42 18.40
CA LEU A 84 -18.39 13.85 18.20
C LEU A 84 -19.43 14.76 18.87
N PRO A 85 -20.74 14.49 18.80
CA PRO A 85 -21.71 15.43 19.41
C PRO A 85 -21.51 15.64 20.89
N PHE A 86 -21.04 14.61 21.62
CA PHE A 86 -20.77 14.80 23.04
C PHE A 86 -19.65 15.80 23.26
N SER A 87 -18.58 15.72 22.47
CA SER A 87 -17.51 16.71 22.56
C SER A 87 -18.01 18.09 22.16
N LEU A 88 -18.88 18.16 21.16
CA LEU A 88 -19.45 19.44 20.75
C LEU A 88 -20.24 20.07 21.89
N ALA A 89 -21.07 19.26 22.56
CA ALA A 89 -21.85 19.76 23.70
C ALA A 89 -20.93 20.19 24.83
N HIS A 90 -19.87 19.42 25.09
CA HIS A 90 -18.92 19.78 26.14
C HIS A 90 -18.25 21.11 25.84
N LEU A 91 -17.87 21.33 24.57
CA LEU A 91 -17.23 22.59 24.21
C LEU A 91 -18.21 23.76 24.23
N ALA A 92 -19.48 23.50 23.91
CA ALA A 92 -20.47 24.57 23.85
C ALA A 92 -21.07 24.94 25.19
N LEU A 93 -21.09 24.02 26.15
CA LEU A 93 -21.71 24.27 27.44
C LEU A 93 -20.76 24.11 28.63
N GLN A 94 -19.83 23.17 28.57
CA GLN A 94 -18.87 22.94 29.65
C GLN A 94 -19.56 22.68 30.99
N PRO A 98 -23.82 18.13 29.61
CA PRO A 98 -24.12 19.02 30.73
C PRO A 98 -24.58 18.27 31.97
N TYR A 99 -24.40 16.95 31.97
CA TYR A 99 -24.84 16.10 33.07
C TYR A 99 -23.79 15.03 33.34
N GLY A 100 -23.57 14.75 34.62
CA GLY A 100 -22.69 13.66 35.03
C GLY A 100 -21.22 13.93 34.80
N ARG A 101 -20.38 13.06 35.35
CA ARG A 101 -18.94 13.14 35.14
C ARG A 101 -18.52 12.65 33.77
N PHE A 102 -19.42 11.98 33.04
CA PHE A 102 -19.05 11.31 31.79
C PHE A 102 -18.53 12.28 30.74
N LEU A 103 -18.92 13.54 30.81
CA LEU A 103 -18.40 14.53 29.86
C LEU A 103 -16.88 14.66 29.99
N CYS A 104 -16.35 14.56 31.21
CA CYS A 104 -14.92 14.62 31.45
C CYS A 104 -14.32 13.25 31.79
N LYS A 105 -15.10 12.18 31.67
CA LYS A 105 -14.67 10.86 32.10
C LYS A 105 -14.32 9.93 30.95
N LEU A 106 -15.24 9.72 30.00
CA LEU A 106 -14.98 8.70 28.95
C LEU A 106 -14.81 9.31 27.56
N ILE A 107 -15.63 10.29 27.18
CA ILE A 107 -15.56 10.81 25.81
C ILE A 107 -14.19 11.39 25.45
N PRO A 108 -13.32 11.77 26.41
CA PRO A 108 -11.94 12.16 26.08
C PRO A 108 -11.11 10.91 25.77
N SER A 109 -11.52 9.73 26.26
CA SER A 109 -10.75 8.50 26.06
C SER A 109 -10.96 7.89 24.68
N ILE A 110 -12.05 8.25 23.99
CA ILE A 110 -12.35 7.65 22.70
C ILE A 110 -11.30 8.08 21.67
N ILE A 111 -10.82 9.32 21.78
CA ILE A 111 -9.77 9.78 20.87
C ILE A 111 -8.50 8.95 21.04
N VAL A 112 -8.09 8.72 22.28
CA VAL A 112 -6.90 7.92 22.54
C VAL A 112 -7.10 6.50 22.02
N LEU A 113 -8.28 5.92 22.28
CA LEU A 113 -8.54 4.56 21.85
C LEU A 113 -8.49 4.42 20.33
N ASN A 114 -9.18 5.32 19.62
CA ASN A 114 -9.23 5.20 18.17
C ASN A 114 -7.86 5.45 17.56
N MET A 115 -7.11 6.38 18.16
CA MET A 115 -5.74 6.67 17.68
C MET A 115 -4.88 5.41 17.79
N PHE A 116 -4.93 4.75 18.96
CA PHE A 116 -4.08 3.57 19.18
C PHE A 116 -4.50 2.41 18.27
N ALA A 117 -5.81 2.16 18.17
CA ALA A 117 -6.27 1.07 17.31
C ALA A 117 -5.89 1.31 15.86
N SER A 118 -6.04 2.54 15.38
CA SER A 118 -5.68 2.85 14.01
C SER A 118 -4.19 2.67 13.78
N VAL A 119 -3.36 3.13 14.72
CA VAL A 119 -1.91 3.01 14.56
C VAL A 119 -1.51 1.54 14.48
N PHE A 120 -2.03 0.72 15.41
CA PHE A 120 -1.66 -0.69 15.42
C PHE A 120 -2.15 -1.41 14.17
N LEU A 121 -3.36 -1.11 13.72
CA LEU A 121 -3.86 -1.76 12.51
C LEU A 121 -3.06 -1.35 11.28
N LEU A 122 -2.67 -0.08 11.19
CA LEU A 122 -1.87 0.37 10.05
C LEU A 122 -0.49 -0.28 10.06
N THR A 123 0.14 -0.40 11.23
CA THR A 123 1.44 -1.06 11.26
C THR A 123 1.32 -2.54 10.94
N ALA A 124 0.20 -3.18 11.33
CA ALA A 124 -0.02 -4.57 10.95
C ALA A 124 -0.19 -4.72 9.44
N ILE A 125 -0.93 -3.80 8.82
CA ILE A 125 -1.10 -3.84 7.37
C ILE A 125 0.24 -3.70 6.67
N SER A 126 1.06 -2.76 7.13
CA SER A 126 2.38 -2.56 6.52
C SER A 126 3.26 -3.78 6.71
N LEU A 127 3.23 -4.38 7.91
CA LEU A 127 4.01 -5.59 8.16
C LEU A 127 3.60 -6.71 7.24
N ASP A 128 2.29 -6.90 7.04
CA ASP A 128 1.83 -7.95 6.14
C ASP A 128 2.24 -7.67 4.70
N ARG A 129 2.13 -6.41 4.27
CA ARG A 129 2.51 -6.06 2.91
C ARG A 129 3.98 -6.32 2.65
N CYS A 130 4.83 -6.04 3.63
CA CYS A 130 6.25 -6.39 3.51
C CYS A 130 6.46 -7.90 3.59
N LEU A 131 5.63 -8.60 4.37
CA LEU A 131 5.78 -10.05 4.54
C LEU A 131 5.47 -10.81 3.26
N VAL A 132 4.53 -10.30 2.45
CA VAL A 132 4.14 -11.01 1.23
C VAL A 132 5.35 -11.23 0.34
N VAL A 133 6.20 -10.20 0.17
CA VAL A 133 7.40 -10.34 -0.65
C VAL A 133 8.56 -10.98 0.09
N PHE A 134 8.43 -11.22 1.39
CA PHE A 134 9.51 -11.81 2.18
C PHE A 134 9.54 -13.32 2.01
N LYS A 135 10.28 -14.00 2.89
CA LYS A 135 10.49 -15.43 2.75
C LYS A 135 9.16 -16.17 2.82
N PRO A 136 8.98 -17.21 2.00
CA PRO A 136 7.71 -17.96 2.00
C PRO A 136 7.48 -18.79 3.26
N ILE A 137 8.46 -18.91 4.14
CA ILE A 137 8.29 -19.72 5.34
C ILE A 137 7.17 -19.17 6.21
N TRP A 138 7.06 -17.85 6.29
CA TRP A 138 5.99 -17.19 7.03
C TRP A 138 4.86 -16.72 6.13
N CYS A 139 4.82 -17.18 4.88
CA CYS A 139 3.77 -16.81 3.93
C CYS A 139 2.70 -17.89 3.78
N GLN A 140 3.08 -19.16 3.80
CA GLN A 140 2.14 -20.26 3.64
C GLN A 140 1.99 -21.10 4.92
N ASN A 141 2.58 -20.67 6.02
CA ASN A 141 2.52 -21.43 7.27
C ASN A 141 1.08 -21.55 7.76
N HIS A 142 0.45 -20.42 8.09
CA HIS A 142 -0.92 -20.42 8.58
C HIS A 142 -1.70 -19.21 8.08
N ARG A 143 -1.37 -18.73 6.88
CA ARG A 143 -2.00 -17.51 6.34
C ARG A 143 -3.43 -17.84 5.95
N ASN A 144 -4.37 -17.51 6.83
CA ASN A 144 -5.78 -17.83 6.63
C ASN A 144 -6.63 -16.74 7.26
N VAL A 145 -7.93 -16.78 6.94
CA VAL A 145 -8.86 -15.81 7.50
C VAL A 145 -8.90 -15.94 9.02
N GLY A 146 -8.79 -17.18 9.53
CA GLY A 146 -8.82 -17.38 10.97
C GLY A 146 -7.69 -16.67 11.69
N MET A 147 -6.49 -16.77 11.12
CA MET A 147 -5.33 -16.05 11.70
C MET A 147 -5.60 -14.54 11.60
N ALA A 148 -6.20 -14.09 10.50
CA ALA A 148 -6.47 -12.67 10.32
C ALA A 148 -7.38 -12.14 11.42
N CYS A 149 -8.49 -12.84 11.70
CA CYS A 149 -9.39 -12.37 12.74
C CYS A 149 -8.79 -12.53 14.13
N SER A 150 -7.97 -13.57 14.34
CA SER A 150 -7.31 -13.72 15.63
C SER A 150 -6.35 -12.57 15.89
N ILE A 151 -5.55 -12.19 14.88
CA ILE A 151 -4.63 -11.08 15.03
C ILE A 151 -5.39 -9.77 15.17
N CYS A 152 -6.53 -9.62 14.47
CA CYS A 152 -7.34 -8.42 14.65
C CYS A 152 -7.86 -8.30 16.08
N GLY A 153 -8.34 -9.42 16.64
CA GLY A 153 -8.77 -9.41 18.04
C GLY A 153 -7.63 -9.09 18.97
N CYS A 154 -6.45 -9.65 18.71
CA CYS A 154 -5.28 -9.34 19.53
C CYS A 154 -4.94 -7.85 19.44
N ILE A 155 -5.04 -7.27 18.25
CA ILE A 155 -4.76 -5.85 18.08
C ILE A 155 -5.76 -5.00 18.87
N TRP A 156 -7.03 -5.38 18.83
CA TRP A 156 -8.04 -4.65 19.59
C TRP A 156 -7.79 -4.75 21.09
N VAL A 157 -7.40 -5.95 21.56
CA VAL A 157 -7.12 -6.10 23.00
C VAL A 157 -5.89 -5.30 23.39
N VAL A 158 -4.85 -5.30 22.54
CA VAL A 158 -3.64 -4.54 22.84
C VAL A 158 -3.93 -3.05 22.87
N ALA A 159 -4.77 -2.57 21.95
CA ALA A 159 -5.19 -1.17 22.00
C ALA A 159 -6.02 -0.91 23.25
N PHE A 160 -6.78 -1.91 23.71
CA PHE A 160 -7.63 -1.72 24.89
C PHE A 160 -6.83 -1.61 26.17
N VAL A 161 -5.78 -2.45 26.34
CA VAL A 161 -5.03 -2.42 27.60
C VAL A 161 -4.31 -1.10 27.77
N MET A 162 -4.10 -0.35 26.67
CA MET A 162 -3.52 0.99 26.77
C MET A 162 -4.56 2.07 27.03
N CYS A 163 -5.85 1.72 27.04
CA CYS A 163 -6.91 2.69 27.28
C CYS A 163 -7.14 2.97 28.76
N ILE A 164 -6.80 2.03 29.65
CA ILE A 164 -7.13 2.19 31.07
C ILE A 164 -6.46 3.41 31.70
N PRO A 165 -5.16 3.70 31.45
CA PRO A 165 -4.49 4.82 32.11
C PRO A 165 -5.24 6.14 31.86
N VAL A 166 -5.74 6.34 30.63
CA VAL A 166 -6.46 7.56 30.30
C VAL A 166 -7.74 7.67 31.13
N PHE A 167 -8.51 6.59 31.20
CA PHE A 167 -9.81 6.62 31.87
C PHE A 167 -9.65 6.85 33.37
N VAL A 168 -8.79 6.05 34.02
CA VAL A 168 -8.57 6.18 35.45
C VAL A 168 -7.59 7.32 35.71
N TYR A 169 -7.72 7.92 36.89
CA TYR A 169 -6.92 9.09 37.27
C TYR A 169 -7.07 10.23 36.24
N THR A 340 4.37 13.85 38.58
CA THR A 340 2.96 13.87 38.18
C THR A 340 2.72 12.90 37.03
N PRO A 341 1.50 12.35 36.96
CA PRO A 341 1.19 11.43 35.85
C PRO A 341 1.35 12.05 34.48
N LEU A 342 1.04 13.34 34.33
CA LEU A 342 1.15 13.99 33.02
C LEU A 342 2.57 13.92 32.47
N VAL A 343 3.56 13.78 33.36
CA VAL A 343 4.95 13.64 32.91
C VAL A 343 5.13 12.33 32.15
N ALA A 344 4.50 11.26 32.62
CA ALA A 344 4.75 9.93 32.07
C ALA A 344 3.75 9.53 30.98
N ILE A 345 2.47 9.86 31.15
CA ILE A 345 1.46 9.35 30.22
C ILE A 345 1.62 9.98 28.83
N THR A 346 1.95 11.28 28.78
CA THR A 346 2.14 11.92 27.49
C THR A 346 3.34 11.34 26.75
N ILE A 347 4.43 11.12 27.47
CA ILE A 347 5.62 10.52 26.87
C ILE A 347 5.32 9.10 26.39
N THR A 348 4.59 8.33 27.20
CA THR A 348 4.24 6.97 26.80
C THR A 348 3.38 6.96 25.54
N ARG A 349 2.39 7.77 25.45
CA ARG A 349 1.52 7.81 24.24
C ARG A 349 2.38 8.21 23.03
N LEU A 350 3.20 9.31 23.20
CA LEU A 350 4.00 9.73 22.05
C LEU A 350 4.93 8.61 21.59
N VAL A 351 5.58 7.92 22.53
CA VAL A 351 6.57 6.91 22.15
C VAL A 351 5.90 5.69 21.54
N VAL A 352 4.82 5.21 22.16
CA VAL A 352 4.18 3.98 21.70
C VAL A 352 3.39 4.23 20.42
N GLY A 353 2.67 5.35 20.35
CA GLY A 353 1.76 5.56 19.25
C GLY A 353 2.33 6.27 18.04
N PHE A 354 3.47 6.95 18.19
CA PHE A 354 3.99 7.78 17.11
C PHE A 354 5.35 7.36 16.61
N LEU A 355 6.32 7.11 17.50
CA LEU A 355 7.69 6.89 17.06
C LEU A 355 7.90 5.48 16.51
N LEU A 356 7.71 4.48 17.36
CA LEU A 356 8.03 3.10 16.97
C LEU A 356 7.22 2.61 15.78
N PRO A 357 5.89 2.74 15.74
CA PRO A 357 5.16 2.28 14.53
C PRO A 357 5.52 3.06 13.29
N SER A 358 5.76 4.37 13.39
CA SER A 358 6.15 5.12 12.21
C SER A 358 7.51 4.65 11.69
N VAL A 359 8.43 4.32 12.60
CA VAL A 359 9.70 3.73 12.17
C VAL A 359 9.46 2.42 11.46
N ILE A 360 8.56 1.59 11.99
CA ILE A 360 8.29 0.29 11.38
C ILE A 360 7.72 0.45 9.97
N MET A 361 6.72 1.32 9.82
CA MET A 361 6.18 1.57 8.48
C MET A 361 7.23 2.14 7.54
N ILE A 362 8.08 3.06 8.02
CA ILE A 362 9.08 3.65 7.16
C ILE A 362 10.06 2.59 6.67
N ALA A 363 10.51 1.72 7.57
CA ALA A 363 11.43 0.66 7.17
C ALA A 363 10.78 -0.30 6.18
N CYS A 364 9.55 -0.74 6.47
CA CYS A 364 8.88 -1.69 5.59
C CYS A 364 8.65 -1.10 4.21
N TYR A 365 8.20 0.15 4.14
CA TYR A 365 7.91 0.74 2.85
C TYR A 365 9.19 1.10 2.10
N SER A 366 10.26 1.45 2.80
CA SER A 366 11.53 1.66 2.12
C SER A 366 12.05 0.37 1.49
N PHE A 367 11.96 -0.75 2.23
CA PHE A 367 12.34 -2.02 1.63
C PHE A 367 11.46 -2.37 0.45
N ILE A 368 10.14 -2.15 0.58
CA ILE A 368 9.22 -2.51 -0.49
C ILE A 368 9.51 -1.69 -1.75
N VAL A 369 9.75 -0.38 -1.59
CA VAL A 369 10.03 0.44 -2.76
C VAL A 369 11.39 0.12 -3.35
N PHE A 370 12.37 -0.26 -2.52
CA PHE A 370 13.65 -0.69 -3.06
C PHE A 370 13.52 -1.98 -3.87
N ARG A 371 12.67 -2.90 -3.41
CA ARG A 371 12.44 -4.13 -4.15
C ARG A 371 11.64 -3.89 -5.42
N MET A 372 10.70 -2.94 -5.39
CA MET A 372 9.93 -2.62 -6.58
C MET A 372 10.77 -1.89 -7.63
N GLN A 373 11.73 -1.08 -7.14
CA GLN A 373 12.62 -0.33 -8.07
C GLN A 373 13.53 -1.34 -8.78
N ARG A 374 13.88 -2.43 -8.10
CA ARG A 374 14.79 -3.45 -8.70
C ARG A 374 14.09 -4.16 -9.86
N ALA A 375 12.99 -4.87 -9.57
CA ALA A 375 12.31 -5.66 -10.63
C ALA A 375 12.06 -4.79 -11.85
N ARG A 376 11.60 -3.56 -11.64
CA ARG A 376 11.34 -2.61 -12.75
C ARG A 376 12.47 -2.73 -13.78
N ARG A 377 13.67 -2.30 -13.40
CA ARG A 377 14.84 -2.37 -14.32
C ARG A 377 14.88 -3.74 -14.99
N GLN A 378 14.78 -4.82 -14.20
CA GLN A 378 14.87 -6.18 -14.78
C GLN A 378 13.88 -6.31 -15.93
N LEU A 379 12.64 -5.86 -15.72
CA LEU A 379 11.61 -5.92 -16.79
C LEU A 379 12.08 -5.04 -17.95
N ALA A 380 12.49 -3.80 -17.66
CA ALA A 380 12.94 -2.89 -18.71
C ALA A 380 14.01 -3.54 -19.58
N ASP A 381 14.95 -4.26 -18.96
CA ASP A 381 15.97 -4.97 -19.72
C ASP A 381 15.34 -6.03 -20.62
N LEU A 382 14.37 -6.77 -20.09
CA LEU A 382 13.72 -7.81 -20.88
C LEU A 382 12.94 -7.21 -22.04
N GLU A 383 12.30 -6.06 -21.81
CA GLU A 383 11.60 -5.37 -22.90
C GLU A 383 12.57 -4.86 -23.95
N ASP A 384 13.74 -4.39 -23.53
CA ASP A 384 14.75 -3.95 -24.50
C ASP A 384 15.22 -5.11 -25.36
N ASN A 385 15.48 -6.27 -24.73
CA ASN A 385 15.86 -7.46 -25.49
C ASN A 385 14.75 -7.89 -26.44
N TRP A 386 13.49 -7.82 -25.98
CA TRP A 386 12.36 -8.12 -26.84
C TRP A 386 12.31 -7.17 -28.04
N GLU A 387 12.56 -5.89 -27.82
CA GLU A 387 12.49 -4.91 -28.90
C GLU A 387 13.58 -5.12 -29.93
N THR A 388 14.81 -5.42 -29.49
CA THR A 388 15.86 -5.70 -30.48
C THR A 388 15.57 -7.00 -31.23
N LEU A 389 15.07 -8.03 -30.54
CA LEU A 389 14.67 -9.24 -31.24
C LEU A 389 13.63 -8.96 -32.31
N ASN A 390 12.59 -8.20 -31.96
CA ASN A 390 11.50 -7.94 -32.88
C ASN A 390 11.95 -7.08 -34.05
N ASP A 391 12.74 -6.04 -33.81
CA ASP A 391 13.10 -5.15 -34.91
C ASP A 391 14.14 -5.80 -35.83
N ASN A 392 15.02 -6.64 -35.28
CA ASN A 392 15.94 -7.38 -36.15
C ASN A 392 15.21 -8.43 -36.97
N LEU A 393 14.21 -9.10 -36.37
CA LEU A 393 13.41 -10.05 -37.12
C LEU A 393 12.56 -9.35 -38.18
N LYS A 394 12.24 -8.07 -37.97
CA LYS A 394 11.58 -7.29 -39.01
C LYS A 394 12.56 -6.87 -40.09
N VAL A 395 13.80 -6.56 -39.72
CA VAL A 395 14.81 -6.17 -40.70
C VAL A 395 15.12 -7.35 -41.63
N ILE A 396 15.23 -8.55 -41.07
CA ILE A 396 15.74 -9.69 -41.84
C ILE A 396 14.82 -10.04 -43.01
N GLU A 397 13.51 -9.80 -42.86
CA GLU A 397 12.57 -10.18 -43.91
C GLU A 397 12.77 -9.35 -45.18
N LYS A 398 13.03 -8.06 -45.03
CA LYS A 398 13.17 -7.17 -46.18
C LYS A 398 14.61 -7.02 -46.64
N ALA A 399 15.54 -7.76 -46.07
CA ALA A 399 16.96 -7.64 -46.39
C ALA A 399 17.37 -8.71 -47.39
N ASP A 400 17.93 -8.28 -48.52
CA ASP A 400 18.48 -9.20 -49.50
C ASP A 400 19.93 -9.51 -49.12
N ASN A 401 20.60 -10.31 -49.96
CA ASN A 401 21.99 -10.73 -49.75
C ASN A 401 22.13 -11.61 -48.50
N ALA A 402 23.15 -12.46 -48.47
CA ALA A 402 23.35 -13.38 -47.37
C ALA A 402 24.18 -12.78 -46.24
N ALA A 403 24.70 -11.56 -46.40
CA ALA A 403 25.51 -10.93 -45.37
C ALA A 403 24.67 -10.23 -44.31
N GLN A 404 23.69 -9.42 -44.74
CA GLN A 404 22.84 -8.73 -43.79
C GLN A 404 22.03 -9.69 -42.95
N VAL A 405 21.66 -10.84 -43.52
CA VAL A 405 20.93 -11.86 -42.77
C VAL A 405 21.79 -12.37 -41.61
N LYS A 406 23.07 -12.66 -41.87
CA LYS A 406 23.97 -13.09 -40.81
C LYS A 406 24.18 -12.00 -39.77
N ASP A 407 24.31 -10.75 -40.23
CA ASP A 407 24.50 -9.65 -39.27
C ASP A 407 23.29 -9.47 -38.38
N ALA A 408 22.07 -9.61 -38.92
CA ALA A 408 20.88 -9.52 -38.09
C ALA A 408 20.75 -10.70 -37.15
N LEU A 409 21.09 -11.91 -37.62
CA LEU A 409 20.95 -13.10 -36.79
C LEU A 409 21.97 -13.11 -35.65
N THR A 410 23.16 -12.54 -35.85
CA THR A 410 24.11 -12.42 -34.75
C THR A 410 23.54 -11.57 -33.61
N LYS A 411 22.92 -10.44 -33.96
CA LYS A 411 22.30 -9.57 -32.97
C LYS A 411 21.14 -10.26 -32.28
N MET A 412 20.30 -10.98 -33.06
CA MET A 412 19.19 -11.71 -32.47
C MET A 412 19.67 -12.78 -31.51
N ARG A 413 20.75 -13.49 -31.87
CA ARG A 413 21.27 -14.53 -31.00
C ARG A 413 21.80 -13.97 -29.69
N ALA A 414 22.56 -12.86 -29.77
CA ALA A 414 23.06 -12.24 -28.54
C ALA A 414 21.91 -11.76 -27.67
N ALA A 415 20.89 -11.15 -28.29
CA ALA A 415 19.73 -10.66 -27.52
C ALA A 415 18.97 -11.81 -26.87
N ALA A 416 18.81 -12.93 -27.59
CA ALA A 416 18.10 -14.08 -27.03
C ALA A 416 18.87 -14.69 -25.86
N LEU A 417 20.19 -14.79 -25.98
CA LEU A 417 20.98 -15.29 -24.86
C LEU A 417 20.85 -14.38 -23.65
N ASP A 418 20.92 -13.06 -23.86
CA ASP A 418 20.79 -12.12 -22.75
C ASP A 418 19.40 -12.21 -22.12
N ALA A 419 18.36 -12.34 -22.94
CA ALA A 419 17.00 -12.42 -22.44
C ALA A 419 16.79 -13.70 -21.62
N GLN A 420 17.33 -14.82 -22.09
CA GLN A 420 17.23 -16.05 -21.31
C GLN A 420 18.01 -15.94 -20.00
N LYS A 421 19.09 -15.15 -20.00
CA LYS A 421 19.84 -14.96 -18.77
C LYS A 421 19.03 -14.19 -17.73
N ALA A 422 18.19 -13.25 -18.15
CA ALA A 422 17.42 -12.43 -17.23
C ALA A 422 16.37 -13.24 -16.50
N THR A 423 16.23 -12.99 -15.20
CA THR A 423 15.26 -13.73 -14.39
C THR A 423 14.94 -12.96 -13.11
N SER A 434 10.41 -24.70 -9.60
CA SER A 434 9.68 -23.61 -10.24
C SER A 434 9.41 -23.93 -11.71
N PRO A 435 8.32 -24.67 -12.05
CA PRO A 435 8.06 -25.09 -13.46
C PRO A 435 7.94 -23.88 -14.37
N GLU A 436 7.45 -22.77 -13.83
CA GLU A 436 7.32 -21.51 -14.62
C GLU A 436 8.69 -21.18 -15.22
N MET A 437 9.69 -20.92 -14.37
CA MET A 437 11.05 -20.58 -14.85
C MET A 437 11.51 -21.65 -15.86
N LYS A 438 11.30 -22.93 -15.53
CA LYS A 438 11.73 -24.04 -16.42
C LYS A 438 11.14 -23.79 -17.82
N ASP A 439 9.81 -23.59 -17.90
CA ASP A 439 9.18 -23.38 -19.20
C ASP A 439 9.71 -22.12 -19.87
N PHE A 440 9.93 -21.06 -19.10
CA PHE A 440 10.48 -19.82 -19.65
C PHE A 440 11.86 -20.05 -20.24
N ARG A 441 12.71 -20.83 -19.57
CA ARG A 441 14.04 -21.11 -20.10
C ARG A 441 13.99 -22.09 -21.28
N HIS A 442 13.05 -23.04 -21.25
CA HIS A 442 12.94 -23.99 -22.35
C HIS A 442 12.53 -23.30 -23.64
N GLY A 443 11.62 -22.32 -23.55
CA GLY A 443 11.25 -21.56 -24.73
C GLY A 443 12.43 -20.87 -25.38
N PHE A 444 13.30 -20.27 -24.56
CA PHE A 444 14.46 -19.57 -25.11
C PHE A 444 15.51 -20.55 -25.64
N ASP A 445 15.60 -21.75 -25.06
CA ASP A 445 16.45 -22.77 -25.67
C ASP A 445 15.97 -23.12 -27.07
N ILE A 446 14.65 -23.30 -27.24
CA ILE A 446 14.11 -23.57 -28.56
C ILE A 446 14.37 -22.40 -29.51
N LEU A 447 14.24 -21.17 -28.99
CA LEU A 447 14.48 -19.99 -29.81
C LEU A 447 15.93 -19.94 -30.31
N VAL A 448 16.88 -20.23 -29.43
CA VAL A 448 18.29 -20.18 -29.83
C VAL A 448 18.60 -21.31 -30.83
N GLY A 449 17.99 -22.48 -30.64
CA GLY A 449 18.15 -23.54 -31.63
C GLY A 449 17.64 -23.16 -33.00
N GLN A 450 16.48 -22.49 -33.05
CA GLN A 450 15.94 -22.05 -34.34
C GLN A 450 16.82 -20.98 -34.98
N ILE A 451 17.38 -20.08 -34.16
CA ILE A 451 18.32 -19.10 -34.68
C ILE A 451 19.54 -19.80 -35.28
N ASP A 452 20.02 -20.86 -34.63
CA ASP A 452 21.14 -21.64 -35.16
C ASP A 452 20.79 -22.29 -36.49
N ASP A 453 19.57 -22.81 -36.62
CA ASP A 453 19.16 -23.40 -37.89
C ASP A 453 19.20 -22.35 -39.00
N ALA A 454 18.67 -21.16 -38.73
CA ALA A 454 18.72 -20.09 -39.73
C ALA A 454 20.15 -19.67 -40.03
N LEU A 455 21.00 -19.61 -39.00
CA LEU A 455 22.39 -19.21 -39.17
C LEU A 455 23.14 -20.18 -40.07
N LYS A 456 22.97 -21.48 -39.83
CA LYS A 456 23.67 -22.46 -40.66
C LYS A 456 23.06 -22.58 -42.05
N LEU A 457 21.80 -22.18 -42.23
CA LEU A 457 21.28 -22.06 -43.59
C LEU A 457 21.88 -20.87 -44.34
N ALA A 458 22.02 -19.73 -43.65
CA ALA A 458 22.56 -18.55 -44.30
C ALA A 458 24.06 -18.65 -44.55
N ASN A 459 24.77 -19.43 -43.72
CA ASN A 459 26.21 -19.58 -43.91
C ASN A 459 26.53 -20.23 -45.25
N GLU A 460 25.72 -21.20 -45.67
CA GLU A 460 25.94 -21.94 -46.91
C GLU A 460 25.31 -21.26 -48.12
N GLY A 461 25.06 -19.96 -48.04
CA GLY A 461 24.60 -19.20 -49.19
C GLY A 461 23.20 -19.50 -49.68
N LYS A 462 22.25 -19.67 -48.76
CA LYS A 462 20.84 -19.77 -49.09
C LYS A 462 20.09 -18.69 -48.34
N VAL A 463 19.37 -17.84 -49.06
CA VAL A 463 18.70 -16.69 -48.48
C VAL A 463 17.24 -16.98 -48.16
N LYS A 464 16.50 -17.52 -49.13
CA LYS A 464 15.07 -17.75 -48.94
C LYS A 464 14.81 -18.75 -47.81
N GLU A 465 15.62 -19.81 -47.75
CA GLU A 465 15.47 -20.79 -46.68
C GLU A 465 15.73 -20.17 -45.32
N ALA A 466 16.75 -19.30 -45.22
CA ALA A 466 16.98 -18.58 -43.97
C ALA A 466 15.81 -17.66 -43.65
N GLN A 467 15.20 -17.06 -44.67
CA GLN A 467 14.03 -16.21 -44.46
C GLN A 467 12.88 -17.01 -43.86
N ALA A 468 12.61 -18.20 -44.40
CA ALA A 468 11.55 -19.05 -43.86
C ALA A 468 11.88 -19.52 -42.45
N ALA A 469 13.14 -19.88 -42.21
CA ALA A 469 13.54 -20.31 -40.88
C ALA A 469 13.36 -19.21 -39.86
N ALA A 470 13.66 -17.96 -40.24
CA ALA A 470 13.43 -16.83 -39.34
C ALA A 470 11.95 -16.56 -39.17
N GLU A 471 11.14 -16.80 -40.19
CA GLU A 471 9.69 -16.68 -40.04
C GLU A 471 9.15 -17.69 -39.04
N GLN A 472 9.75 -18.87 -38.98
CA GLN A 472 9.31 -19.88 -38.01
C GLN A 472 9.54 -19.46 -36.57
N LEU A 473 10.35 -18.43 -36.32
CA LEU A 473 10.62 -18.00 -34.94
C LEU A 473 9.40 -17.35 -34.30
N LYS A 474 8.53 -16.74 -35.10
CA LYS A 474 7.39 -16.00 -34.56
C LYS A 474 6.43 -16.92 -33.82
N THR A 475 6.19 -18.12 -34.36
CA THR A 475 5.28 -19.06 -33.71
C THR A 475 5.75 -19.43 -32.32
N THR A 476 7.03 -19.82 -32.20
CA THR A 476 7.57 -20.17 -30.89
C THR A 476 7.56 -18.96 -29.96
N ARG A 477 7.93 -17.79 -30.47
CA ARG A 477 7.95 -16.58 -29.66
C ARG A 477 6.59 -16.31 -29.04
N ASN A 478 5.54 -16.28 -29.86
CA ASN A 478 4.20 -16.00 -29.36
C ASN A 478 3.71 -17.12 -28.45
N ALA A 479 4.01 -18.37 -28.78
CA ALA A 479 3.50 -19.48 -28.00
C ALA A 479 4.16 -19.57 -26.63
N TYR A 480 5.40 -19.09 -26.49
CA TYR A 480 6.14 -19.28 -25.24
C TYR A 480 6.28 -18.03 -24.40
N ILE A 481 6.81 -16.93 -24.96
CA ILE A 481 7.25 -15.84 -24.11
C ILE A 481 6.20 -14.74 -23.90
N GLN A 482 5.18 -14.69 -24.77
CA GLN A 482 4.18 -13.63 -24.66
C GLN A 482 3.41 -13.70 -23.36
N LYS A 483 3.03 -14.92 -22.93
CA LYS A 483 2.26 -15.06 -21.70
C LYS A 483 3.07 -14.62 -20.49
N TYR A 484 4.36 -14.95 -20.45
CA TYR A 484 5.22 -14.48 -19.37
C TYR A 484 5.33 -12.96 -19.40
N LEU A 485 5.42 -12.38 -20.60
CA LEU A 485 5.50 -10.92 -20.69
C LEU A 485 4.23 -10.27 -20.13
N GLU A 486 3.06 -10.81 -20.48
CA GLU A 486 1.82 -10.27 -19.96
C GLU A 486 1.73 -10.40 -18.45
N ARG A 487 2.12 -11.56 -17.90
CA ARG A 487 2.07 -11.74 -16.46
C ARG A 487 3.01 -10.77 -15.76
N ALA A 488 4.22 -10.59 -16.30
CA ALA A 488 5.18 -9.68 -15.68
C ALA A 488 4.67 -8.25 -15.70
N ARG A 489 4.09 -7.81 -16.82
CA ARG A 489 3.56 -6.45 -16.88
C ARG A 489 2.38 -6.28 -15.93
N SER A 490 1.50 -7.29 -15.88
CA SER A 490 0.27 -7.19 -15.04
C SER A 490 0.65 -7.13 -13.55
N THR A 491 1.45 -8.09 -13.08
CA THR A 491 1.79 -8.16 -11.63
C THR A 491 2.44 -6.84 -11.19
N LEU A 492 3.40 -6.33 -11.95
CA LEU A 492 4.14 -5.11 -11.53
C LEU A 492 3.18 -3.92 -11.44
N LYS A 493 2.21 -3.83 -12.35
CA LYS A 493 1.30 -2.64 -12.37
C LYS A 493 0.40 -2.61 -11.13
N SER A 494 -0.28 -3.72 -10.82
CA SER A 494 -1.25 -3.73 -9.69
C SER A 494 -0.54 -3.42 -8.37
N GLN A 495 0.42 -4.26 -7.98
CA GLN A 495 1.14 -4.08 -6.71
C GLN A 495 1.48 -2.62 -6.49
N SER A 496 1.82 -1.91 -7.57
CA SER A 496 2.04 -0.47 -7.48
C SER A 496 0.88 0.26 -6.84
N LYS A 497 -0.34 0.04 -7.35
CA LYS A 497 -1.54 0.72 -6.82
C LYS A 497 -1.78 0.27 -5.37
N THR A 498 -1.73 -1.04 -5.12
CA THR A 498 -1.98 -1.58 -3.79
C THR A 498 -1.06 -0.95 -2.74
N PHE A 499 0.19 -0.72 -3.13
CA PHE A 499 1.15 -0.05 -2.24
C PHE A 499 0.90 1.46 -2.18
N ARG A 500 0.48 2.04 -3.30
CA ARG A 500 0.20 3.48 -3.38
C ARG A 500 -0.86 3.89 -2.36
N VAL A 501 -1.98 3.15 -2.34
CA VAL A 501 -3.07 3.52 -1.44
C VAL A 501 -2.62 3.45 0.02
N ALA A 502 -1.87 2.40 0.37
CA ALA A 502 -1.41 2.24 1.75
C ALA A 502 -0.48 3.37 2.15
N VAL A 503 0.48 3.71 1.28
CA VAL A 503 1.42 4.79 1.60
C VAL A 503 0.70 6.11 1.76
N VAL A 504 -0.25 6.42 0.87
CA VAL A 504 -0.96 7.68 0.96
C VAL A 504 -1.76 7.73 2.26
N VAL A 505 -2.43 6.63 2.61
CA VAL A 505 -3.20 6.60 3.86
C VAL A 505 -2.30 6.84 5.06
N VAL A 506 -1.14 6.18 5.10
CA VAL A 506 -0.23 6.36 6.24
C VAL A 506 0.26 7.81 6.31
N ALA A 507 0.63 8.40 5.17
CA ALA A 507 1.11 9.78 5.18
C ALA A 507 0.03 10.73 5.67
N VAL A 508 -1.20 10.58 5.17
CA VAL A 508 -2.29 11.44 5.60
C VAL A 508 -2.53 11.28 7.10
N PHE A 509 -2.54 10.04 7.59
CA PHE A 509 -2.75 9.80 9.00
C PHE A 509 -1.71 10.51 9.86
N LEU A 510 -0.42 10.37 9.49
CA LEU A 510 0.63 10.96 10.30
C LEU A 510 0.60 12.48 10.24
N VAL A 511 0.36 13.05 9.05
CA VAL A 511 0.29 14.50 8.94
C VAL A 511 -0.94 15.06 9.66
N CYS A 512 -1.99 14.27 9.81
CA CYS A 512 -3.15 14.71 10.59
C CYS A 512 -2.87 14.65 12.08
N TRP A 513 -2.17 13.61 12.54
CA TRP A 513 -1.99 13.44 13.98
C TRP A 513 -0.77 14.16 14.55
N THR A 514 0.15 14.66 13.72
CA THR A 514 1.34 15.31 14.27
C THR A 514 1.07 16.56 15.11
N PRO A 515 0.14 17.48 14.73
CA PRO A 515 -0.04 18.71 15.52
C PRO A 515 -0.39 18.38 16.97
N TYR A 516 -1.22 17.35 17.18
CA TYR A 516 -1.63 16.97 18.53
C TYR A 516 -0.43 16.62 19.39
N HIS A 517 0.48 15.80 18.86
CA HIS A 517 1.67 15.43 19.61
C HIS A 517 2.58 16.63 19.83
N ILE A 518 2.70 17.50 18.83
CA ILE A 518 3.54 18.69 18.98
C ILE A 518 3.04 19.56 20.12
N PHE A 519 1.72 19.80 20.15
CA PHE A 519 1.15 20.62 21.20
C PHE A 519 1.21 19.95 22.56
N GLY A 520 1.07 18.62 22.60
CA GLY A 520 1.26 17.91 23.86
C GLY A 520 2.66 18.07 24.42
N VAL A 521 3.67 17.93 23.55
CA VAL A 521 5.06 18.11 23.98
C VAL A 521 5.28 19.55 24.44
N LEU A 522 4.76 20.53 23.70
CA LEU A 522 4.94 21.93 24.08
C LEU A 522 4.29 22.22 25.42
N SER A 523 3.09 21.70 25.65
CA SER A 523 2.43 21.90 26.94
C SER A 523 3.20 21.24 28.06
N LEU A 524 3.74 20.05 27.82
CA LEU A 524 4.53 19.37 28.86
C LEU A 524 5.79 20.16 29.19
N LEU A 525 6.46 20.69 28.18
CA LEU A 525 7.73 21.40 28.41
C LEU A 525 7.50 22.77 29.03
N THR A 526 6.52 23.52 28.53
CA THR A 526 6.33 24.89 28.96
C THR A 526 5.74 24.95 30.36
N ASP A 527 6.33 25.79 31.21
CA ASP A 527 5.80 26.01 32.54
C ASP A 527 4.49 26.81 32.46
N PRO A 528 3.58 26.60 33.41
CA PRO A 528 2.31 27.36 33.38
C PRO A 528 2.50 28.82 33.76
N GLU A 529 1.38 29.54 33.88
CA GLU A 529 1.39 30.97 34.22
C GLU A 529 2.17 31.78 33.20
N THR A 530 1.92 31.50 31.91
CA THR A 530 2.62 32.13 30.81
C THR A 530 1.63 32.43 29.69
N PRO A 531 1.70 33.62 29.09
CA PRO A 531 0.81 33.91 27.95
C PRO A 531 0.97 32.94 26.78
N LEU A 532 2.17 32.40 26.58
CA LEU A 532 2.33 31.33 25.59
C LEU A 532 1.46 30.12 25.97
N GLY A 533 1.32 29.85 27.27
CA GLY A 533 0.39 28.83 27.70
C GLY A 533 -1.03 29.16 27.30
N LYS A 534 -1.42 30.43 27.41
CA LYS A 534 -2.75 30.85 26.97
C LYS A 534 -2.92 30.61 25.48
N THR A 535 -1.91 30.94 24.67
CA THR A 535 -2.01 30.69 23.24
C THR A 535 -2.16 29.21 22.94
N LEU A 536 -1.39 28.38 23.65
CA LEU A 536 -1.41 26.92 23.34
C LEU A 536 -2.74 26.29 23.80
N MET A 537 -3.33 26.74 24.92
CA MET A 537 -4.62 26.15 25.28
C MET A 537 -5.73 26.74 24.42
N SER A 538 -5.52 27.94 23.86
CA SER A 538 -6.46 28.46 22.87
C SER A 538 -6.48 27.60 21.62
N TRP A 539 -5.30 27.21 21.13
CA TRP A 539 -5.24 26.43 19.89
C TRP A 539 -5.39 24.92 20.11
N ASP A 540 -5.45 24.47 21.36
CA ASP A 540 -5.66 23.05 21.63
C ASP A 540 -6.96 22.54 21.01
N HIS A 541 -8.02 23.37 21.03
CA HIS A 541 -9.27 22.96 20.41
C HIS A 541 -9.09 22.69 18.93
N VAL A 542 -8.36 23.57 18.24
CA VAL A 542 -8.11 23.38 16.82
C VAL A 542 -7.32 22.10 16.58
N CYS A 543 -6.29 21.87 17.41
CA CYS A 543 -5.47 20.67 17.26
C CYS A 543 -6.30 19.40 17.39
N ILE A 544 -7.10 19.31 18.45
CA ILE A 544 -7.93 18.12 18.66
C ILE A 544 -8.97 18.00 17.57
N ALA A 545 -9.51 19.13 17.09
CA ALA A 545 -10.50 19.11 16.04
C ALA A 545 -9.94 18.52 14.75
N LEU A 546 -8.71 18.92 14.39
CA LEU A 546 -8.08 18.36 13.20
C LEU A 546 -7.78 16.86 13.39
N ALA A 547 -7.25 16.51 14.56
CA ALA A 547 -7.01 15.10 14.86
C ALA A 547 -8.27 14.26 14.68
N SER A 548 -9.42 14.80 15.09
CA SER A 548 -10.68 14.07 14.94
C SER A 548 -11.18 14.10 13.51
N ALA A 549 -10.93 15.19 12.78
CA ALA A 549 -11.30 15.29 11.37
C ALA A 549 -10.56 14.29 10.52
N ASN A 550 -9.43 13.77 11.01
CA ASN A 550 -8.75 12.68 10.31
C ASN A 550 -9.69 11.53 9.99
N SER A 551 -10.61 11.21 10.91
CA SER A 551 -11.53 10.09 10.72
C SER A 551 -12.43 10.31 9.52
N CYS A 552 -12.94 11.54 9.34
CA CYS A 552 -13.73 11.84 8.16
C CYS A 552 -12.86 11.87 6.90
N PHE A 553 -11.62 12.34 7.03
CA PHE A 553 -10.74 12.42 5.87
C PHE A 553 -10.45 11.05 5.28
N ASN A 554 -10.23 10.05 6.14
CA ASN A 554 -9.70 8.77 5.67
C ASN A 554 -10.54 8.10 4.59
N PRO A 555 -11.87 7.94 4.72
CA PRO A 555 -12.67 7.19 3.73
C PRO A 555 -12.65 7.79 2.31
N PHE A 556 -12.40 9.09 2.18
CA PHE A 556 -12.49 9.72 0.86
C PHE A 556 -11.31 9.36 -0.03
N LEU A 557 -10.13 9.16 0.57
CA LEU A 557 -8.96 8.77 -0.21
C LEU A 557 -9.14 7.41 -0.88
N TYR A 558 -9.99 6.55 -0.33
CA TYR A 558 -10.25 5.26 -0.96
C TYR A 558 -10.90 5.45 -2.33
N ALA A 559 -11.88 6.35 -2.43
CA ALA A 559 -12.46 6.66 -3.72
C ALA A 559 -11.54 7.53 -4.58
N LEU A 560 -10.76 8.40 -3.95
CA LEU A 560 -9.80 9.20 -4.70
C LEU A 560 -8.74 8.33 -5.36
N LEU A 561 -8.26 7.31 -4.66
CA LEU A 561 -7.20 6.44 -5.15
C LEU A 561 -7.71 5.06 -5.55
N GLY A 562 -9.01 4.94 -5.80
CA GLY A 562 -9.58 3.67 -6.22
C GLY A 562 -9.76 3.57 -7.73
N SER A 572 -19.45 1.97 -11.12
CA SER A 572 -19.95 0.94 -10.20
C SER A 572 -19.28 1.06 -8.84
N ILE A 573 -20.09 0.96 -7.78
CA ILE A 573 -19.56 1.10 -6.42
C ILE A 573 -18.52 0.02 -6.14
N GLN A 574 -18.81 -1.20 -6.59
CA GLN A 574 -17.89 -2.35 -6.33
C GLN A 574 -16.51 -2.00 -6.90
N GLY A 575 -16.44 -1.44 -8.11
CA GLY A 575 -15.17 -1.11 -8.71
C GLY A 575 -14.39 -0.08 -7.92
N ILE A 576 -15.08 0.95 -7.41
CA ILE A 576 -14.38 2.04 -6.74
C ILE A 576 -14.05 1.71 -5.29
N LEU A 577 -14.73 0.74 -4.67
CA LEU A 577 -14.51 0.44 -3.27
C LEU A 577 -13.84 -0.92 -3.07
N GLU A 578 -14.44 -2.00 -3.58
CA GLU A 578 -13.92 -3.32 -3.32
C GLU A 578 -12.57 -3.54 -3.99
N ALA A 579 -12.42 -3.07 -5.23
CA ALA A 579 -11.14 -3.20 -5.93
C ALA A 579 -10.03 -2.40 -5.26
N ALA A 580 -10.38 -1.36 -4.50
CA ALA A 580 -9.37 -0.53 -3.87
C ALA A 580 -8.54 -1.29 -2.83
N PHE A 581 -9.08 -2.36 -2.25
CA PHE A 581 -8.34 -3.13 -1.27
C PHE A 581 -7.52 -4.25 -1.91
N SER A 582 -7.93 -4.72 -3.08
CA SER A 582 -7.22 -5.78 -3.78
C SER A 582 -6.84 -5.35 -5.20
#